data_1USU
#
_entry.id   1USU
#
_cell.length_a   58.940
_cell.length_b   37.920
_cell.length_c   111.260
_cell.angle_alpha   90.00
_cell.angle_beta   98.40
_cell.angle_gamma   90.00
#
_symmetry.space_group_name_H-M   'P 1 21 1'
#
loop_
_entity.id
_entity.type
_entity.pdbx_description
1 polymer 'HEAT SHOCK PROTEIN HSP82'
2 polymer AHA1
3 non-polymer GLYCEROL
4 water water
#
loop_
_entity_poly.entity_id
_entity_poly.type
_entity_poly.pdbx_seq_one_letter_code
_entity_poly.pdbx_strand_id
1 'polypeptide(L)'
;GPTKPLWTRNPSDITQEEYNAFYKSISNDWEDPLYVKHFSVEGQLEFRAILFIPKRAPFDLFESKKKKNNIKLYVRRVFI
TDEAEDLIPEWLSFVKGVVDSEDLPLNLSREMLQQNKIMKVIRKNIVKKLIEAFNEIAEDSEQFEKFYSAFSKNIKLGVH
EDTQNRAALAKLLRYNSTKSVDELTSLTDYVTRMPEHQKNIYYITGESLKSVEKSPFLDALKAKNFEVLFLTDPIDEYAF
TQLKEFEGKTLVDITKDFEL
;
A
2 'polypeptide(L)'
;MRGSHHHHHHGMASMVVNNPNNWHWVDKNCIGWAKEYFKQKIVGVEAGSVKDKKYAKIKSVSSIEGDCEVNQRKGKVISL
FDLKITVLIEGHVDSKDGSALPFEGSINVPEVAFDSEASSYQFDISIFKETSELSEAKPLIRSELLPKLRQIFQQFGKDL
LATHGNDIQV
;
B
#
loop_
_chem_comp.id
_chem_comp.type
_chem_comp.name
_chem_comp.formula
GOL non-polymer GLYCEROL 'C3 H8 O3'
#
# COMPACT_ATOMS: atom_id res chain seq x y z
N PRO A 2 -32.46 10.05 20.42
CA PRO A 2 -32.01 9.54 21.77
C PRO A 2 -30.69 8.73 21.77
N THR A 3 -30.67 7.56 21.12
CA THR A 3 -29.44 6.71 21.08
C THR A 3 -28.14 7.37 20.63
N LYS A 4 -27.11 7.36 21.49
CA LYS A 4 -25.76 7.91 21.10
C LYS A 4 -25.14 6.83 20.18
N PRO A 5 -24.96 7.16 18.89
CA PRO A 5 -24.40 6.18 17.95
C PRO A 5 -23.11 5.52 18.39
N LEU A 6 -23.06 4.20 18.27
CA LEU A 6 -21.86 3.47 18.64
C LEU A 6 -20.53 4.00 18.13
N TRP A 7 -20.52 4.48 16.88
CA TRP A 7 -19.26 4.91 16.32
C TRP A 7 -18.75 6.20 16.90
N THR A 8 -19.59 6.93 17.63
CA THR A 8 -19.16 8.20 18.20
C THR A 8 -18.63 7.92 19.61
N ARG A 9 -18.86 6.70 20.10
CA ARG A 9 -18.36 6.30 21.40
C ARG A 9 -16.87 5.95 21.27
N ASN A 10 -16.14 5.89 22.40
CA ASN A 10 -14.72 5.60 22.44
C ASN A 10 -14.45 4.11 22.24
N PRO A 11 -13.65 3.72 21.23
CA PRO A 11 -13.35 2.31 20.98
C PRO A 11 -12.94 1.54 22.21
N SER A 12 -12.14 2.18 23.07
CA SER A 12 -11.66 1.60 24.29
C SER A 12 -12.75 1.18 25.25
N ASP A 13 -13.90 1.84 25.20
CA ASP A 13 -14.98 1.51 26.11
C ASP A 13 -15.97 0.47 25.55
N ILE A 14 -15.96 0.25 24.26
CA ILE A 14 -16.92 -0.66 23.67
C ILE A 14 -16.65 -2.16 23.84
N THR A 15 -17.68 -2.91 24.16
CA THR A 15 -17.52 -4.35 24.36
C THR A 15 -17.66 -5.14 23.06
N GLN A 16 -17.08 -6.33 23.04
CA GLN A 16 -17.18 -7.19 21.84
C GLN A 16 -18.67 -7.40 21.53
N GLU A 17 -19.47 -7.53 22.59
CA GLU A 17 -20.90 -7.78 22.40
C GLU A 17 -21.61 -6.60 21.72
N GLU A 18 -21.26 -5.39 22.08
CA GLU A 18 -21.87 -4.26 21.42
C GLU A 18 -21.46 -4.26 19.92
N TYR A 19 -20.17 -4.49 19.64
CA TYR A 19 -19.69 -4.53 18.25
C TYR A 19 -20.45 -5.64 17.49
N ASN A 20 -20.59 -6.83 18.07
CA ASN A 20 -21.30 -7.94 17.43
C ASN A 20 -22.75 -7.55 17.11
N ALA A 21 -23.45 -6.93 18.08
CA ALA A 21 -24.83 -6.52 17.85
C ALA A 21 -24.89 -5.49 16.76
N PHE A 22 -24.00 -4.50 16.79
CA PHE A 22 -24.04 -3.50 15.75
C PHE A 22 -23.77 -4.16 14.35
N TYR A 23 -22.80 -5.07 14.26
CA TYR A 23 -22.52 -5.75 12.99
C TYR A 23 -23.75 -6.53 12.50
N LYS A 24 -24.33 -7.35 13.35
CA LYS A 24 -25.52 -8.14 12.95
C LYS A 24 -26.61 -7.19 12.46
N SER A 25 -26.82 -6.09 13.16
CA SER A 25 -27.82 -5.10 12.74
C SER A 25 -27.67 -4.55 11.35
N ILE A 26 -26.44 -4.32 10.90
CA ILE A 26 -26.32 -3.74 9.56
C ILE A 26 -26.00 -4.74 8.47
N SER A 27 -25.85 -6.02 8.80
CA SER A 27 -25.48 -7.00 7.80
C SER A 27 -26.27 -8.30 7.67
N ASN A 28 -27.14 -8.63 8.61
CA ASN A 28 -27.88 -9.89 8.50
C ASN A 28 -26.99 -11.13 8.61
N ASP A 29 -25.69 -10.93 8.84
CA ASP A 29 -24.80 -12.08 8.99
C ASP A 29 -25.32 -12.74 10.23
N TRP A 30 -25.07 -14.03 10.35
CA TRP A 30 -25.55 -14.77 11.50
C TRP A 30 -24.32 -15.10 12.32
N GLU A 31 -23.14 -14.76 11.80
CA GLU A 31 -21.90 -14.97 12.51
C GLU A 31 -21.46 -13.62 13.10
N ASP A 32 -20.60 -13.65 14.12
CA ASP A 32 -20.05 -12.40 14.64
C ASP A 32 -18.98 -11.97 13.59
N PRO A 33 -18.57 -10.69 13.57
CA PRO A 33 -17.56 -10.33 12.57
C PRO A 33 -16.24 -10.93 12.89
N LEU A 34 -15.39 -11.14 11.88
CA LEU A 34 -14.04 -11.65 12.13
C LEU A 34 -13.22 -10.64 12.92
N TYR A 35 -13.39 -9.37 12.59
CA TYR A 35 -12.57 -8.33 13.22
C TYR A 35 -13.26 -6.97 13.10
N VAL A 36 -13.03 -6.10 14.06
CA VAL A 36 -13.60 -4.77 13.97
C VAL A 36 -12.47 -3.73 14.06
N LYS A 37 -12.54 -2.73 13.22
CA LYS A 37 -11.54 -1.67 13.16
C LYS A 37 -12.39 -0.41 13.36
N HIS A 38 -12.39 0.11 14.57
CA HIS A 38 -13.15 1.31 14.93
C HIS A 38 -12.13 2.42 15.22
N PHE A 39 -12.10 3.51 14.46
CA PHE A 39 -11.15 4.56 14.73
C PHE A 39 -11.72 5.96 14.48
N SER A 40 -10.94 6.94 14.91
CA SER A 40 -11.29 8.35 14.78
C SER A 40 -10.11 9.05 14.19
N VAL A 41 -10.36 10.00 13.30
CA VAL A 41 -9.29 10.79 12.69
C VAL A 41 -9.61 12.24 13.07
N GLU A 42 -8.63 12.93 13.63
CA GLU A 42 -8.81 14.31 14.05
C GLU A 42 -7.77 15.20 13.37
N GLY A 43 -7.96 16.52 13.46
CA GLY A 43 -7.00 17.44 12.86
C GLY A 43 -7.55 18.21 11.69
N GLN A 44 -6.80 18.27 10.60
CA GLN A 44 -7.25 18.97 9.41
C GLN A 44 -8.27 18.14 8.63
N LEU A 45 -8.54 16.94 9.14
CA LEU A 45 -9.48 16.04 8.53
C LEU A 45 -10.18 15.38 9.70
N GLU A 46 -11.49 15.50 9.78
CA GLU A 46 -12.19 14.87 10.89
C GLU A 46 -13.28 13.90 10.46
N PHE A 47 -13.13 12.64 10.88
CA PHE A 47 -14.13 11.63 10.61
C PHE A 47 -13.93 10.44 11.53
N ARG A 48 -14.95 9.59 11.65
CA ARG A 48 -14.88 8.38 12.45
C ARG A 48 -15.46 7.23 11.62
N ALA A 49 -15.07 6.01 11.95
CA ALA A 49 -15.59 4.85 11.23
C ALA A 49 -15.57 3.61 12.10
N ILE A 50 -16.50 2.70 11.83
CA ILE A 50 -16.53 1.42 12.46
C ILE A 50 -16.68 0.48 11.25
N LEU A 51 -15.64 -0.30 11.00
CA LEU A 51 -15.55 -1.20 9.85
C LEU A 51 -15.37 -2.60 10.35
N PHE A 52 -16.06 -3.52 9.70
CA PHE A 52 -16.08 -4.89 10.07
C PHE A 52 -15.60 -5.76 8.91
N ILE A 53 -14.76 -6.73 9.23
CA ILE A 53 -14.34 -7.72 8.26
C ILE A 53 -15.18 -8.98 8.63
N PRO A 54 -15.99 -9.54 7.69
CA PRO A 54 -16.84 -10.75 7.88
C PRO A 54 -15.96 -11.99 7.98
N LYS A 55 -16.45 -13.05 8.62
CA LYS A 55 -15.71 -14.30 8.72
C LYS A 55 -15.69 -15.07 7.40
N ARG A 56 -16.62 -14.80 6.49
CA ARG A 56 -16.70 -15.50 5.21
C ARG A 56 -16.96 -14.58 4.02
N ALA A 57 -16.51 -14.98 2.85
CA ALA A 57 -16.76 -14.17 1.67
C ALA A 57 -18.26 -14.19 1.41
N PRO A 58 -18.85 -13.08 0.93
CA PRO A 58 -20.29 -13.12 0.68
C PRO A 58 -20.46 -13.86 -0.64
N PHE A 59 -21.57 -14.56 -0.82
CA PHE A 59 -21.79 -15.32 -2.05
C PHE A 59 -21.45 -14.55 -3.33
N ASP A 60 -21.84 -13.29 -3.40
CA ASP A 60 -21.57 -12.50 -4.60
C ASP A 60 -20.38 -11.54 -4.54
N LEU A 61 -19.27 -11.93 -3.92
CA LEU A 61 -18.09 -11.05 -3.79
C LEU A 61 -17.61 -10.32 -5.05
N PHE A 62 -17.24 -11.06 -6.09
CA PHE A 62 -16.77 -10.46 -7.36
C PHE A 62 -17.78 -10.74 -8.45
N GLU A 63 -19.07 -10.69 -8.12
CA GLU A 63 -20.08 -11.01 -9.11
C GLU A 63 -21.43 -10.33 -8.93
N SER A 64 -22.47 -11.16 -8.87
CA SER A 64 -23.85 -10.73 -8.71
C SER A 64 -23.98 -9.29 -8.21
N ASN A 69 -23.73 -1.52 -1.32
CA ASN A 69 -24.04 -0.68 -0.17
C ASN A 69 -23.60 -1.28 1.17
N ASN A 70 -22.34 -1.65 1.25
CA ASN A 70 -21.78 -2.20 2.47
C ASN A 70 -21.51 -1.08 3.53
N ILE A 71 -21.27 0.15 3.09
CA ILE A 71 -20.91 1.23 4.02
C ILE A 71 -21.92 2.39 4.05
N LYS A 72 -22.40 2.73 5.24
CA LYS A 72 -23.34 3.84 5.39
C LYS A 72 -22.52 5.08 5.58
N LEU A 73 -22.77 6.10 4.79
CA LEU A 73 -22.00 7.31 4.92
C LEU A 73 -22.88 8.34 5.63
N TYR A 74 -22.39 8.83 6.77
CA TYR A 74 -23.07 9.88 7.50
C TYR A 74 -22.20 11.14 7.38
N VAL A 75 -22.85 12.31 7.47
CA VAL A 75 -22.17 13.60 7.48
C VAL A 75 -22.71 14.34 8.74
N ARG A 76 -21.86 14.60 9.72
CA ARG A 76 -22.29 15.25 10.96
C ARG A 76 -23.45 14.50 11.59
N ARG A 77 -23.28 13.16 11.68
CA ARG A 77 -24.29 12.26 12.25
C ARG A 77 -25.65 12.20 11.53
N VAL A 78 -25.70 12.64 10.27
CA VAL A 78 -26.94 12.56 9.51
C VAL A 78 -26.69 11.54 8.42
N PHE A 79 -27.47 10.48 8.35
CA PHE A 79 -27.22 9.48 7.31
C PHE A 79 -27.42 10.12 5.96
N ILE A 80 -26.49 9.88 5.01
CA ILE A 80 -26.58 10.45 3.68
C ILE A 80 -26.85 9.37 2.66
N THR A 81 -25.96 8.38 2.53
CA THR A 81 -26.19 7.32 1.58
C THR A 81 -25.46 6.04 1.93
N ASP A 82 -25.96 4.90 1.44
CA ASP A 82 -25.23 3.68 1.64
C ASP A 82 -24.71 3.13 0.29
N GLU A 83 -24.60 3.99 -0.71
CA GLU A 83 -24.07 3.58 -1.99
C GLU A 83 -23.18 4.66 -2.62
N ALA A 84 -22.23 5.14 -1.85
CA ALA A 84 -21.29 6.11 -2.38
C ALA A 84 -20.03 5.33 -2.75
N GLU A 85 -19.73 5.16 -4.04
CA GLU A 85 -18.45 4.49 -4.37
C GLU A 85 -17.45 5.64 -4.23
N ASP A 86 -16.18 5.33 -4.28
CA ASP A 86 -15.11 6.31 -4.09
C ASP A 86 -14.83 6.42 -2.60
N LEU A 87 -15.70 5.81 -1.80
CA LEU A 87 -15.48 5.79 -0.37
C LEU A 87 -14.47 4.70 -0.08
N ILE A 88 -14.48 3.66 -0.89
CA ILE A 88 -13.56 2.57 -0.67
C ILE A 88 -13.34 1.84 -2.00
N PRO A 89 -12.11 1.42 -2.32
CA PRO A 89 -11.99 0.73 -3.62
C PRO A 89 -12.72 -0.62 -3.68
N GLU A 90 -13.01 -1.05 -4.91
CA GLU A 90 -13.72 -2.31 -5.12
C GLU A 90 -13.06 -3.55 -4.55
N TRP A 91 -11.73 -3.61 -4.58
CA TRP A 91 -11.13 -4.82 -4.04
C TRP A 91 -11.45 -4.91 -2.53
N LEU A 92 -11.90 -3.81 -1.90
CA LEU A 92 -12.27 -3.86 -0.47
C LEU A 92 -13.76 -3.86 -0.29
N SER A 93 -14.50 -4.20 -1.34
CA SER A 93 -15.97 -4.21 -1.29
C SER A 93 -16.59 -5.08 -0.23
N PHE A 94 -15.85 -6.05 0.25
CA PHE A 94 -16.42 -6.93 1.25
C PHE A 94 -16.54 -6.29 2.70
N VAL A 95 -15.92 -5.13 2.95
CA VAL A 95 -15.95 -4.50 4.29
C VAL A 95 -17.30 -3.84 4.56
N LYS A 96 -17.83 -3.99 5.76
CA LYS A 96 -19.11 -3.39 6.12
C LYS A 96 -18.91 -2.38 7.25
N GLY A 97 -19.89 -1.48 7.38
CA GLY A 97 -19.82 -0.56 8.48
C GLY A 97 -20.38 0.82 8.19
N VAL A 98 -19.82 1.79 8.93
CA VAL A 98 -20.26 3.19 8.91
C VAL A 98 -19.09 4.15 8.96
N VAL A 99 -19.20 5.22 8.19
CA VAL A 99 -18.21 6.28 8.12
C VAL A 99 -18.99 7.57 8.37
N ASP A 100 -18.55 8.38 9.34
CA ASP A 100 -19.28 9.64 9.68
C ASP A 100 -18.29 10.80 9.48
N SER A 101 -18.52 11.64 8.50
CA SER A 101 -17.62 12.76 8.23
C SER A 101 -18.09 14.12 8.74
N GLU A 102 -17.20 14.85 9.38
CA GLU A 102 -17.57 16.17 9.86
C GLU A 102 -17.60 17.17 8.72
N ASP A 103 -16.68 17.01 7.78
CA ASP A 103 -16.51 17.99 6.71
C ASP A 103 -17.05 17.75 5.32
N LEU A 104 -17.32 16.51 4.95
CA LEU A 104 -17.79 16.26 3.59
C LEU A 104 -18.93 17.21 3.20
N PRO A 105 -18.83 17.85 2.02
CA PRO A 105 -19.89 18.78 1.58
C PRO A 105 -21.07 18.01 0.99
N LEU A 106 -22.28 18.32 1.45
CA LEU A 106 -23.50 17.64 1.00
C LEU A 106 -23.90 17.97 -0.45
N ASN A 107 -24.51 17.00 -1.13
CA ASN A 107 -24.95 17.16 -2.52
C ASN A 107 -23.80 17.20 -3.52
N LEU A 108 -23.69 16.19 -4.37
CA LEU A 108 -22.60 16.13 -5.35
C LEU A 108 -22.93 15.20 -6.51
N GLN A 115 -14.63 13.59 -7.95
CA GLN A 115 -13.33 14.25 -7.79
C GLN A 115 -13.14 14.95 -6.42
N ASN A 116 -14.11 14.81 -5.51
CA ASN A 116 -13.99 15.47 -4.21
C ASN A 116 -12.75 15.13 -3.39
N LYS A 117 -12.04 16.17 -2.96
CA LYS A 117 -10.81 16.03 -2.19
C LYS A 117 -11.00 15.41 -0.83
N ILE A 118 -12.03 15.81 -0.10
CA ILE A 118 -12.28 15.24 1.22
C ILE A 118 -12.52 13.72 1.11
N MET A 119 -13.30 13.31 0.12
CA MET A 119 -13.65 11.89 -0.09
C MET A 119 -12.37 11.07 -0.35
N LYS A 120 -11.47 11.60 -1.18
CA LYS A 120 -10.20 10.94 -1.49
C LYS A 120 -9.37 10.75 -0.23
N VAL A 121 -9.28 11.77 0.61
CA VAL A 121 -8.50 11.70 1.87
C VAL A 121 -9.09 10.62 2.78
N ILE A 122 -10.40 10.66 2.92
CA ILE A 122 -11.10 9.70 3.74
C ILE A 122 -10.84 8.26 3.21
N ARG A 123 -11.05 8.07 1.91
CA ARG A 123 -10.85 6.80 1.27
C ARG A 123 -9.43 6.29 1.53
N LYS A 124 -8.43 7.10 1.24
CA LYS A 124 -7.03 6.69 1.46
C LYS A 124 -6.74 6.36 2.89
N ASN A 125 -7.34 7.13 3.79
CA ASN A 125 -7.15 6.87 5.21
C ASN A 125 -7.85 5.54 5.58
N ILE A 126 -9.02 5.28 5.01
CA ILE A 126 -9.67 4.03 5.32
C ILE A 126 -8.87 2.81 4.81
N VAL A 127 -8.24 2.95 3.64
CA VAL A 127 -7.50 1.81 3.12
C VAL A 127 -6.31 1.52 4.05
N LYS A 128 -5.60 2.57 4.49
CA LYS A 128 -4.49 2.36 5.38
C LYS A 128 -4.93 1.71 6.68
N LYS A 129 -6.07 2.12 7.23
CA LYS A 129 -6.53 1.53 8.46
C LYS A 129 -6.92 0.08 8.27
N LEU A 130 -7.53 -0.26 7.14
CA LEU A 130 -7.92 -1.66 6.96
C LEU A 130 -6.68 -2.58 6.83
N ILE A 131 -5.58 -2.03 6.29
CA ILE A 131 -4.31 -2.76 6.11
C ILE A 131 -3.68 -2.95 7.53
N GLU A 132 -3.80 -1.94 8.39
CA GLU A 132 -3.37 -2.12 9.79
C GLU A 132 -4.18 -3.28 10.38
N ALA A 133 -5.49 -3.26 10.18
CA ALA A 133 -6.32 -4.36 10.67
C ALA A 133 -5.85 -5.71 10.09
N PHE A 134 -5.68 -5.81 8.75
CA PHE A 134 -5.25 -7.10 8.19
C PHE A 134 -3.93 -7.56 8.82
N ASN A 135 -3.03 -6.64 9.14
CA ASN A 135 -1.75 -7.00 9.79
C ASN A 135 -2.01 -7.51 11.21
N GLU A 136 -3.04 -7.00 11.89
CA GLU A 136 -3.32 -7.49 13.24
C GLU A 136 -3.82 -8.90 13.09
N ILE A 137 -4.72 -9.08 12.12
CA ILE A 137 -5.27 -10.39 11.89
C ILE A 137 -4.20 -11.41 11.60
N ALA A 138 -3.19 -11.01 10.83
CA ALA A 138 -2.15 -11.94 10.43
C ALA A 138 -1.37 -12.47 11.64
N GLU A 139 -1.38 -11.70 12.73
CA GLU A 139 -0.69 -12.11 13.96
C GLU A 139 -1.40 -13.25 14.69
N ASP A 140 -2.56 -13.69 14.19
CA ASP A 140 -3.35 -14.78 14.78
C ASP A 140 -3.69 -15.81 13.68
N SER A 141 -3.05 -16.97 13.72
CA SER A 141 -3.27 -17.95 12.67
C SER A 141 -4.67 -18.44 12.51
N GLU A 142 -5.40 -18.58 13.62
CA GLU A 142 -6.79 -19.04 13.49
C GLU A 142 -7.59 -18.00 12.70
N GLN A 143 -7.45 -16.73 13.08
CA GLN A 143 -8.12 -15.65 12.38
C GLN A 143 -7.62 -15.48 10.92
N PHE A 144 -6.32 -15.45 10.73
CA PHE A 144 -5.77 -15.25 9.39
C PHE A 144 -6.22 -16.33 8.42
N GLU A 145 -6.28 -17.56 8.92
CA GLU A 145 -6.72 -18.68 8.09
C GLU A 145 -8.09 -18.40 7.50
N LYS A 146 -9.03 -17.92 8.34
CA LYS A 146 -10.38 -17.57 7.89
C LYS A 146 -10.30 -16.36 6.94
N PHE A 147 -9.50 -15.36 7.32
CA PHE A 147 -9.35 -14.18 6.51
C PHE A 147 -8.81 -14.51 5.12
N TYR A 148 -7.70 -15.24 5.07
CA TYR A 148 -7.05 -15.60 3.82
C TYR A 148 -7.87 -16.46 2.90
N SER A 149 -8.47 -17.50 3.46
CA SER A 149 -9.23 -18.40 2.63
C SER A 149 -10.40 -17.65 2.03
N ALA A 150 -10.94 -16.68 2.74
CA ALA A 150 -12.05 -15.91 2.15
C ALA A 150 -11.62 -14.76 1.22
N PHE A 151 -10.59 -14.02 1.58
CA PHE A 151 -10.25 -12.79 0.83
C PHE A 151 -8.89 -12.68 0.21
N SER A 152 -8.20 -13.79 0.04
CA SER A 152 -6.86 -13.71 -0.54
C SER A 152 -6.92 -13.10 -1.92
N LYS A 153 -7.92 -13.46 -2.71
CA LYS A 153 -8.01 -12.89 -4.05
C LYS A 153 -8.16 -11.32 -4.01
N ASN A 154 -8.97 -10.82 -3.08
CA ASN A 154 -9.15 -9.39 -2.92
C ASN A 154 -7.81 -8.74 -2.57
N ILE A 155 -7.00 -9.42 -1.77
CA ILE A 155 -5.69 -8.85 -1.42
C ILE A 155 -4.82 -8.75 -2.67
N LYS A 156 -4.90 -9.77 -3.52
CA LYS A 156 -4.10 -9.76 -4.76
C LYS A 156 -4.55 -8.67 -5.70
N LEU A 157 -5.84 -8.42 -5.79
CA LEU A 157 -6.34 -7.36 -6.65
C LEU A 157 -5.87 -6.01 -6.09
N GLY A 158 -5.80 -5.85 -4.76
CA GLY A 158 -5.30 -4.58 -4.22
C GLY A 158 -3.84 -4.45 -4.64
N VAL A 159 -3.08 -5.55 -4.62
CA VAL A 159 -1.69 -5.49 -5.03
C VAL A 159 -1.62 -5.12 -6.52
N HIS A 160 -2.58 -5.63 -7.31
CA HIS A 160 -2.56 -5.29 -8.72
C HIS A 160 -2.66 -3.78 -8.95
N GLU A 161 -3.51 -3.11 -8.19
CA GLU A 161 -3.75 -1.70 -8.48
C GLU A 161 -3.25 -0.61 -7.54
N ASP A 162 -2.98 -0.94 -6.28
CA ASP A 162 -2.63 0.12 -5.36
C ASP A 162 -1.10 0.29 -5.26
N THR A 163 -0.57 1.29 -5.96
CA THR A 163 0.87 1.53 -6.01
C THR A 163 1.44 1.91 -4.63
N GLN A 164 0.73 2.72 -3.86
CA GLN A 164 1.17 3.12 -2.55
C GLN A 164 1.15 1.98 -1.55
N ASN A 165 0.07 1.21 -1.51
CA ASN A 165 -0.05 0.16 -0.52
C ASN A 165 0.32 -1.29 -0.87
N ARG A 166 0.71 -1.53 -2.11
CA ARG A 166 0.98 -2.92 -2.54
C ARG A 166 2.11 -3.58 -1.76
N ALA A 167 3.14 -2.82 -1.36
CA ALA A 167 4.25 -3.41 -0.58
C ALA A 167 3.70 -3.96 0.73
N ALA A 168 2.85 -3.17 1.38
CA ALA A 168 2.28 -3.64 2.66
C ALA A 168 1.33 -4.81 2.42
N LEU A 169 0.58 -4.74 1.34
CA LEU A 169 -0.33 -5.82 1.08
C LEU A 169 0.43 -7.09 0.76
N ALA A 170 1.63 -6.96 0.19
CA ALA A 170 2.41 -8.12 -0.23
C ALA A 170 2.78 -8.98 0.96
N LYS A 171 2.83 -8.34 2.12
CA LYS A 171 3.13 -9.04 3.37
C LYS A 171 2.05 -10.04 3.76
N LEU A 172 0.85 -9.87 3.20
CA LEU A 172 -0.24 -10.80 3.50
C LEU A 172 -0.36 -12.02 2.57
N LEU A 173 0.41 -12.05 1.48
CA LEU A 173 0.37 -13.14 0.51
C LEU A 173 1.01 -14.40 1.11
N ARG A 174 0.50 -15.56 0.70
CA ARG A 174 0.96 -16.88 1.18
C ARG A 174 1.11 -17.80 -0.04
N TYR A 175 2.19 -18.59 -0.06
CA TYR A 175 2.48 -19.48 -1.17
C TYR A 175 3.21 -20.77 -0.71
N ASN A 176 3.01 -21.86 -1.46
CA ASN A 176 3.76 -23.07 -1.19
C ASN A 176 5.14 -22.76 -1.81
N SER A 177 6.17 -23.52 -1.45
CA SER A 177 7.52 -23.29 -1.99
C SER A 177 8.29 -24.62 -1.89
N THR A 178 9.51 -24.66 -2.40
CA THR A 178 10.28 -25.89 -2.32
C THR A 178 10.69 -26.17 -0.86
N LYS A 179 10.48 -25.19 0.02
CA LYS A 179 10.77 -25.36 1.44
C LYS A 179 9.54 -25.19 2.33
N SER A 180 8.38 -25.08 1.73
CA SER A 180 7.17 -24.88 2.52
C SER A 180 6.18 -25.65 1.67
N VAL A 181 6.21 -26.96 1.90
CA VAL A 181 5.42 -27.91 1.16
C VAL A 181 4.11 -28.31 1.81
N ASP A 182 4.05 -28.38 3.13
CA ASP A 182 2.81 -28.78 3.83
C ASP A 182 1.99 -27.58 4.36
N GLU A 183 2.62 -26.43 4.40
CA GLU A 183 2.02 -25.19 4.88
C GLU A 183 2.40 -24.14 3.84
N LEU A 184 1.64 -23.06 3.76
CA LEU A 184 2.00 -22.00 2.83
C LEU A 184 2.95 -21.10 3.60
N THR A 185 3.87 -20.46 2.89
CA THR A 185 4.73 -19.55 3.56
C THR A 185 4.46 -18.08 3.14
N SER A 186 4.97 -17.16 3.97
CA SER A 186 4.86 -15.73 3.72
C SER A 186 6.13 -15.33 3.04
N LEU A 187 6.10 -14.18 2.38
CA LEU A 187 7.28 -13.64 1.75
C LEU A 187 8.36 -13.27 2.82
N THR A 188 7.91 -12.75 3.96
CA THR A 188 8.86 -12.37 5.04
C THR A 188 9.67 -13.55 5.53
N ASP A 189 8.99 -14.67 5.76
CA ASP A 189 9.66 -15.88 6.20
C ASP A 189 10.55 -16.45 5.11
N TYR A 190 10.18 -16.24 3.83
CA TYR A 190 11.03 -16.74 2.75
C TYR A 190 12.32 -15.95 2.92
N VAL A 191 12.19 -14.64 3.09
CA VAL A 191 13.39 -13.81 3.22
C VAL A 191 14.30 -14.20 4.42
N THR A 192 13.71 -14.55 5.55
CA THR A 192 14.50 -14.94 6.72
C THR A 192 15.30 -16.22 6.41
N ARG A 193 14.75 -17.09 5.58
CA ARG A 193 15.44 -18.34 5.26
C ARG A 193 16.52 -18.22 4.20
N MET A 194 16.70 -17.01 3.69
CA MET A 194 17.68 -16.75 2.65
C MET A 194 19.13 -16.59 3.15
N PRO A 195 20.08 -17.28 2.50
CA PRO A 195 21.48 -17.15 2.92
C PRO A 195 21.90 -15.76 2.52
N GLU A 196 22.83 -15.17 3.27
CA GLU A 196 23.29 -13.83 2.99
C GLU A 196 23.78 -13.66 1.55
N HIS A 197 24.28 -14.72 0.92
CA HIS A 197 24.74 -14.55 -0.45
C HIS A 197 23.59 -14.59 -1.49
N GLN A 198 22.36 -14.89 -1.07
CA GLN A 198 21.24 -14.96 -2.01
C GLN A 198 20.72 -13.54 -2.20
N LYS A 199 20.62 -13.06 -3.41
CA LYS A 199 20.14 -11.68 -3.58
C LYS A 199 18.70 -11.53 -4.06
N ASN A 200 18.16 -12.57 -4.68
CA ASN A 200 16.81 -12.46 -5.22
C ASN A 200 15.88 -13.46 -4.62
N ILE A 201 14.59 -13.17 -4.66
CA ILE A 201 13.58 -14.11 -4.21
C ILE A 201 13.16 -14.74 -5.57
N TYR A 202 13.22 -16.07 -5.63
CA TYR A 202 12.88 -16.85 -6.83
C TYR A 202 11.54 -17.49 -6.78
N TYR A 203 10.87 -17.46 -7.93
CA TYR A 203 9.58 -18.10 -7.99
C TYR A 203 9.43 -18.80 -9.36
N ILE A 204 8.47 -19.65 -9.50
CA ILE A 204 8.26 -20.29 -10.78
C ILE A 204 6.74 -20.28 -10.96
N THR A 205 6.29 -20.22 -12.22
CA THR A 205 4.87 -20.23 -12.53
C THR A 205 4.49 -21.49 -13.28
N GLY A 206 3.25 -21.88 -13.13
CA GLY A 206 2.83 -23.09 -13.82
C GLY A 206 1.34 -23.20 -13.70
N GLU A 207 0.83 -24.19 -14.42
CA GLU A 207 -0.57 -24.46 -14.54
C GLU A 207 -1.19 -25.02 -13.29
N SER A 208 -0.35 -25.60 -12.43
CA SER A 208 -0.80 -26.21 -11.19
C SER A 208 0.39 -26.56 -10.33
N LEU A 209 0.10 -26.83 -9.07
CA LEU A 209 1.10 -27.19 -8.11
C LEU A 209 1.84 -28.47 -8.51
N LYS A 210 1.12 -29.56 -8.75
CA LYS A 210 1.74 -30.82 -9.14
C LYS A 210 2.72 -30.64 -10.31
N SER A 211 2.38 -29.83 -11.30
CA SER A 211 3.34 -29.64 -12.40
C SER A 211 4.57 -28.75 -12.06
N VAL A 212 4.39 -27.61 -11.38
CA VAL A 212 5.56 -26.79 -11.07
C VAL A 212 6.46 -27.51 -10.05
N GLU A 213 5.86 -28.33 -9.19
CA GLU A 213 6.58 -29.05 -8.12
C GLU A 213 7.71 -29.94 -8.66
N LYS A 214 7.56 -30.45 -9.87
CA LYS A 214 8.58 -31.30 -10.43
C LYS A 214 9.24 -30.70 -11.66
N SER A 215 9.01 -29.41 -11.89
CA SER A 215 9.68 -28.80 -13.02
C SER A 215 11.17 -28.98 -12.77
N PRO A 216 11.96 -29.27 -13.84
CA PRO A 216 13.41 -29.49 -13.85
C PRO A 216 14.18 -28.21 -13.65
N PHE A 217 13.56 -27.05 -13.99
CA PHE A 217 14.21 -25.75 -13.77
C PHE A 217 14.51 -25.57 -12.25
N LEU A 218 13.83 -26.30 -11.39
CA LEU A 218 14.06 -26.15 -9.94
C LEU A 218 15.44 -26.75 -9.51
N ASP A 219 15.89 -27.78 -10.27
CA ASP A 219 17.11 -28.50 -9.93
C ASP A 219 18.29 -27.63 -9.62
N ALA A 220 18.63 -26.69 -10.48
CA ALA A 220 19.74 -25.80 -10.26
C ALA A 220 19.53 -24.91 -9.03
N LEU A 221 18.30 -24.50 -8.72
CA LEU A 221 18.08 -23.65 -7.53
C LEU A 221 18.26 -24.49 -6.28
N LYS A 222 17.74 -25.71 -6.33
CA LYS A 222 17.88 -26.61 -5.19
C LYS A 222 19.33 -26.98 -4.94
N ALA A 223 20.11 -27.12 -6.02
CA ALA A 223 21.52 -27.49 -5.87
C ALA A 223 22.23 -26.36 -5.16
N LYS A 224 21.69 -25.15 -5.27
CA LYS A 224 22.30 -24.03 -4.56
C LYS A 224 21.59 -23.87 -3.22
N ASN A 225 20.65 -24.73 -2.94
CA ASN A 225 19.89 -24.58 -1.71
C ASN A 225 19.06 -23.26 -1.63
N PHE A 226 18.62 -22.75 -2.80
CA PHE A 226 17.78 -21.53 -2.86
C PHE A 226 16.32 -21.92 -2.93
N GLU A 227 15.52 -21.42 -1.99
CA GLU A 227 14.08 -21.71 -2.00
C GLU A 227 13.35 -21.13 -3.26
N VAL A 228 12.34 -21.82 -3.77
CA VAL A 228 11.60 -21.30 -4.95
C VAL A 228 10.10 -21.25 -4.64
N LEU A 229 9.50 -20.08 -4.77
CA LEU A 229 8.02 -20.00 -4.51
C LEU A 229 7.22 -20.54 -5.71
N PHE A 230 6.10 -21.21 -5.43
CA PHE A 230 5.25 -21.77 -6.47
C PHE A 230 4.03 -20.86 -6.76
N LEU A 231 3.93 -20.35 -7.99
CA LEU A 231 2.79 -19.49 -8.34
C LEU A 231 2.04 -20.27 -9.39
N THR A 232 0.79 -20.59 -9.12
CA THR A 232 0.04 -21.40 -10.04
C THR A 232 -1.21 -20.70 -10.58
N ASP A 233 -1.21 -19.36 -10.60
CA ASP A 233 -2.37 -18.65 -11.12
C ASP A 233 -1.95 -17.32 -11.69
N PRO A 234 -2.52 -16.91 -12.85
CA PRO A 234 -2.15 -15.63 -13.47
C PRO A 234 -2.32 -14.43 -12.55
N ILE A 235 -3.31 -14.46 -11.67
CA ILE A 235 -3.49 -13.35 -10.77
C ILE A 235 -2.23 -13.18 -9.89
N ASP A 236 -1.58 -14.29 -9.52
CA ASP A 236 -0.36 -14.17 -8.70
C ASP A 236 0.81 -13.68 -9.51
N GLU A 237 0.92 -14.16 -10.75
CA GLU A 237 2.01 -13.77 -11.60
C GLU A 237 2.00 -12.28 -11.84
N TYR A 238 0.81 -11.76 -12.09
CA TYR A 238 0.66 -10.32 -12.31
C TYR A 238 0.94 -9.57 -11.00
N ALA A 239 0.50 -10.11 -9.87
CA ALA A 239 0.76 -9.45 -8.61
C ALA A 239 2.28 -9.28 -8.47
N PHE A 240 3.03 -10.36 -8.75
CA PHE A 240 4.50 -10.31 -8.65
C PHE A 240 5.21 -9.35 -9.58
N THR A 241 4.76 -9.26 -10.83
CA THR A 241 5.44 -8.35 -11.74
C THR A 241 5.06 -6.92 -11.41
N GLN A 242 3.86 -6.69 -10.83
CA GLN A 242 3.50 -5.34 -10.40
C GLN A 242 4.38 -4.97 -9.10
N LEU A 243 4.64 -5.95 -8.24
CA LEU A 243 5.43 -5.69 -7.02
C LEU A 243 6.89 -5.41 -7.35
N LYS A 244 7.45 -6.24 -8.24
CA LYS A 244 8.85 -6.20 -8.70
C LYS A 244 9.87 -6.61 -7.64
N GLU A 245 9.66 -6.21 -6.39
CA GLU A 245 10.61 -6.59 -5.33
C GLU A 245 9.90 -6.67 -3.97
N PHE A 246 10.57 -7.28 -2.99
CA PHE A 246 9.99 -7.38 -1.65
C PHE A 246 11.09 -7.16 -0.61
N GLU A 247 10.87 -6.21 0.31
CA GLU A 247 11.88 -5.91 1.33
C GLU A 247 13.27 -5.85 0.69
N GLY A 248 13.43 -5.06 -0.38
CA GLY A 248 14.71 -4.92 -1.04
C GLY A 248 15.22 -6.07 -1.96
N LYS A 249 14.52 -7.20 -1.99
CA LYS A 249 14.95 -8.35 -2.85
C LYS A 249 14.09 -8.42 -4.12
N THR A 250 14.73 -8.43 -5.29
CA THR A 250 14.02 -8.54 -6.59
C THR A 250 13.33 -9.89 -6.78
N LEU A 251 12.12 -9.87 -7.32
CA LEU A 251 11.37 -11.11 -7.54
C LEU A 251 11.78 -11.63 -8.93
N VAL A 252 12.43 -12.80 -8.95
CA VAL A 252 12.94 -13.42 -10.17
C VAL A 252 12.20 -14.68 -10.54
N ASP A 253 11.60 -14.70 -11.74
CA ASP A 253 10.85 -15.83 -12.28
C ASP A 253 11.98 -16.70 -12.92
N ILE A 254 12.19 -17.92 -12.42
CA ILE A 254 13.33 -18.73 -12.91
C ILE A 254 13.15 -19.38 -14.29
N THR A 255 12.02 -19.16 -14.97
CA THR A 255 11.82 -19.75 -16.30
C THR A 255 11.84 -18.72 -17.43
N LYS A 256 12.33 -17.51 -17.15
CA LYS A 256 12.44 -16.46 -18.15
C LYS A 256 13.64 -16.58 -19.11
N ASP A 257 14.71 -17.25 -18.65
CA ASP A 257 15.96 -17.50 -19.41
C ASP A 257 16.54 -16.40 -20.29
N VAL B 26 -8.94 33.14 2.73
CA VAL B 26 -8.78 32.81 1.28
C VAL B 26 -7.75 31.69 1.07
N ASP B 27 -8.08 30.79 0.13
CA ASP B 27 -7.23 29.65 -0.18
C ASP B 27 -6.46 29.86 -1.48
N LYS B 28 -5.39 29.08 -1.67
CA LYS B 28 -4.57 29.18 -2.88
C LYS B 28 -3.97 27.85 -3.30
N ASN B 29 -3.74 27.72 -4.60
CA ASN B 29 -3.17 26.53 -5.17
C ASN B 29 -1.68 26.69 -5.39
N CYS B 30 -0.89 26.11 -4.48
CA CYS B 30 0.57 26.18 -4.56
C CYS B 30 1.22 25.10 -5.40
N ILE B 31 0.48 24.51 -6.33
CA ILE B 31 1.08 23.45 -7.12
C ILE B 31 2.22 23.96 -8.00
N GLY B 32 2.19 25.24 -8.34
CA GLY B 32 3.25 25.81 -9.16
C GLY B 32 4.53 25.92 -8.36
N TRP B 33 4.37 26.35 -7.10
CA TRP B 33 5.47 26.55 -6.15
C TRP B 33 6.09 25.24 -5.72
N ALA B 34 5.23 24.24 -5.50
CA ALA B 34 5.71 22.94 -5.07
C ALA B 34 6.58 22.35 -6.17
N LYS B 35 6.12 22.51 -7.41
CA LYS B 35 6.83 21.96 -8.55
C LYS B 35 8.24 22.53 -8.78
N GLU B 36 8.43 23.81 -8.48
CA GLU B 36 9.76 24.40 -8.66
C GLU B 36 10.62 24.07 -7.41
N TYR B 37 9.95 23.98 -6.26
CA TYR B 37 10.60 23.63 -4.99
C TYR B 37 11.27 22.26 -5.08
N PHE B 38 10.58 21.31 -5.70
CA PHE B 38 11.10 19.96 -5.84
C PHE B 38 12.16 19.90 -6.93
N LYS B 39 12.03 20.76 -7.92
CA LYS B 39 13.03 20.75 -8.98
C LYS B 39 14.40 21.14 -8.44
N GLN B 40 14.46 22.06 -7.50
CA GLN B 40 15.76 22.41 -6.98
C GLN B 40 16.16 21.58 -5.79
N LYS B 41 15.18 21.03 -5.08
CA LYS B 41 15.47 20.19 -3.93
C LYS B 41 15.89 18.80 -4.42
N ILE B 42 15.36 18.39 -5.55
CA ILE B 42 15.66 17.05 -6.05
C ILE B 42 16.80 16.89 -7.05
N VAL B 43 16.85 17.71 -8.08
CA VAL B 43 17.90 17.53 -9.06
C VAL B 43 19.32 17.63 -8.49
N GLY B 44 20.15 16.64 -8.81
CA GLY B 44 21.51 16.65 -8.32
C GLY B 44 21.78 15.79 -7.10
N VAL B 45 20.76 15.40 -6.35
CA VAL B 45 21.00 14.57 -5.18
C VAL B 45 21.70 13.31 -5.71
N GLU B 46 22.61 12.74 -4.94
CA GLU B 46 23.32 11.56 -5.43
C GLU B 46 23.73 10.59 -4.35
N ALA B 47 24.01 9.36 -4.79
CA ALA B 47 24.43 8.30 -3.89
C ALA B 47 25.86 7.94 -4.28
N LYS B 53 33.36 4.61 -7.00
CA LYS B 53 33.23 3.55 -8.01
C LYS B 53 31.76 3.36 -8.40
N LYS B 54 30.94 3.00 -7.43
CA LYS B 54 29.50 2.82 -7.65
C LYS B 54 28.83 4.14 -7.24
N TYR B 55 27.97 4.66 -8.11
CA TYR B 55 27.31 5.91 -7.79
C TYR B 55 26.22 6.28 -8.77
N ALA B 56 25.35 7.19 -8.33
CA ALA B 56 24.24 7.68 -9.15
C ALA B 56 23.71 9.00 -8.56
N LYS B 57 22.93 9.73 -9.34
CA LYS B 57 22.38 10.99 -8.88
C LYS B 57 21.10 11.32 -9.64
N ILE B 58 20.27 12.19 -9.04
CA ILE B 58 19.01 12.57 -9.66
C ILE B 58 19.25 13.55 -10.78
N LYS B 59 18.85 13.16 -11.98
CA LYS B 59 19.02 14.00 -13.15
C LYS B 59 17.94 15.07 -13.19
N SER B 60 16.72 14.67 -13.55
CA SER B 60 15.62 15.62 -13.64
C SER B 60 14.39 15.12 -12.90
N VAL B 61 13.36 15.98 -12.88
CA VAL B 61 12.08 15.67 -12.23
C VAL B 61 11.09 15.67 -13.38
N SER B 62 10.81 14.47 -13.90
CA SER B 62 9.92 14.26 -15.04
C SER B 62 8.43 14.48 -14.84
N SER B 63 7.97 14.50 -13.60
CA SER B 63 6.55 14.74 -13.37
C SER B 63 6.19 14.82 -11.91
N ILE B 64 5.20 15.66 -11.65
CA ILE B 64 4.65 15.89 -10.34
C ILE B 64 3.17 16.13 -10.59
N GLU B 65 2.33 15.26 -10.05
CA GLU B 65 0.89 15.38 -10.24
C GLU B 65 0.18 15.31 -8.91
N GLY B 66 -1.07 15.75 -8.88
CA GLY B 66 -1.81 15.72 -7.65
C GLY B 66 -2.22 17.11 -7.25
N ASP B 67 -2.43 17.30 -5.95
CA ASP B 67 -2.85 18.60 -5.44
C ASP B 67 -2.02 19.08 -4.27
N CYS B 68 -1.94 20.40 -4.17
CA CYS B 68 -1.21 21.04 -3.10
C CYS B 68 -1.79 22.44 -2.93
N GLU B 69 -2.66 22.60 -1.96
CA GLU B 69 -3.27 23.89 -1.72
C GLU B 69 -3.14 24.20 -0.25
N VAL B 70 -3.26 25.48 0.07
CA VAL B 70 -3.22 25.90 1.45
C VAL B 70 -4.52 26.66 1.64
N ASN B 71 -5.42 26.05 2.39
CA ASN B 71 -6.74 26.59 2.63
C ASN B 71 -6.89 27.09 4.07
N GLN B 72 -7.91 27.92 4.29
CA GLN B 72 -8.18 28.46 5.61
C GLN B 72 -9.39 27.72 6.20
N ARG B 73 -9.14 26.75 7.07
CA ARG B 73 -10.21 25.98 7.68
C ARG B 73 -9.77 25.33 8.98
N GLY B 75 -10.67 28.39 11.06
CA GLY B 75 -10.06 27.67 12.17
C GLY B 75 -8.54 27.71 12.06
N LYS B 76 -8.02 27.31 10.90
CA LYS B 76 -6.58 27.31 10.67
C LYS B 76 -6.25 27.45 9.18
N VAL B 77 -4.98 27.28 8.82
CA VAL B 77 -4.52 27.37 7.43
C VAL B 77 -4.05 26.00 6.89
N ILE B 78 -4.88 24.99 7.10
CA ILE B 78 -4.61 23.60 6.69
C ILE B 78 -4.18 23.38 5.23
N SER B 79 -3.78 22.15 4.95
CA SER B 79 -3.37 21.71 3.63
C SER B 79 -3.33 20.18 3.68
N LEU B 80 -4.05 19.57 2.75
CA LEU B 80 -4.14 18.13 2.68
C LEU B 80 -3.44 17.73 1.37
N PHE B 81 -2.28 18.32 1.11
CA PHE B 81 -1.57 18.04 -0.12
C PHE B 81 -1.28 16.56 -0.32
N ASP B 82 -1.29 16.14 -1.57
CA ASP B 82 -1.00 14.74 -1.88
C ASP B 82 -0.43 14.73 -3.28
N LEU B 83 0.82 14.30 -3.44
CA LEU B 83 1.46 14.33 -4.75
C LEU B 83 2.17 13.07 -5.18
N LYS B 84 2.23 12.91 -6.50
CA LYS B 84 2.90 11.80 -7.14
C LYS B 84 4.11 12.46 -7.83
N ILE B 85 5.27 11.86 -7.69
CA ILE B 85 6.49 12.40 -8.25
C ILE B 85 7.38 11.33 -8.87
N THR B 86 7.92 11.62 -10.04
CA THR B 86 8.82 10.70 -10.74
C THR B 86 10.12 11.49 -11.04
N VAL B 87 11.29 10.91 -10.77
CA VAL B 87 12.55 11.58 -11.09
C VAL B 87 13.34 10.67 -12.03
N LEU B 88 14.20 11.26 -12.86
CA LEU B 88 15.01 10.47 -13.77
C LEU B 88 16.40 10.37 -13.17
N ILE B 89 17.04 9.25 -13.38
CA ILE B 89 18.36 9.06 -12.79
C ILE B 89 19.43 8.57 -13.74
N GLU B 90 20.67 8.74 -13.30
CA GLU B 90 21.86 8.31 -14.04
C GLU B 90 22.94 7.92 -13.03
N GLY B 91 23.80 6.99 -13.44
CA GLY B 91 24.87 6.57 -12.56
C GLY B 91 25.72 5.51 -13.19
N HIS B 92 26.53 4.85 -12.36
CA HIS B 92 27.40 3.78 -12.85
C HIS B 92 27.93 2.91 -11.72
N VAL B 93 28.30 1.69 -12.10
CA VAL B 93 28.87 0.71 -11.18
C VAL B 93 30.21 0.30 -11.80
N ASP B 94 30.28 -0.90 -12.38
CA ASP B 94 31.52 -1.38 -13.00
C ASP B 94 31.51 -2.89 -13.29
N SER B 99 36.29 -2.31 -15.30
CA SER B 99 36.31 -0.90 -15.71
C SER B 99 35.22 -0.09 -14.98
N ALA B 100 34.02 -0.07 -15.57
CA ALA B 100 32.86 0.64 -15.01
C ALA B 100 31.73 0.62 -16.05
N LEU B 101 30.49 0.68 -15.57
CA LEU B 101 29.36 0.68 -16.48
C LEU B 101 28.19 1.54 -15.98
N PRO B 102 27.87 2.60 -16.74
CA PRO B 102 26.79 3.55 -16.44
C PRO B 102 25.40 2.98 -16.72
N PHE B 103 24.37 3.76 -16.41
CA PHE B 103 22.98 3.36 -16.62
C PHE B 103 22.04 4.53 -16.40
N GLU B 104 20.76 4.27 -16.70
CA GLU B 104 19.71 5.25 -16.52
C GLU B 104 18.44 4.58 -16.03
N GLY B 105 17.56 5.38 -15.43
CA GLY B 105 16.32 4.85 -14.92
C GLY B 105 15.40 5.92 -14.41
N SER B 106 14.39 5.50 -13.67
CA SER B 106 13.44 6.42 -13.11
C SER B 106 13.04 5.89 -11.75
N ILE B 107 12.55 6.80 -10.91
CA ILE B 107 12.12 6.46 -9.56
C ILE B 107 10.74 7.07 -9.33
N ASN B 108 9.74 6.21 -9.12
CA ASN B 108 8.42 6.76 -8.86
C ASN B 108 8.10 6.65 -7.39
N VAL B 109 7.52 7.74 -6.88
CA VAL B 109 7.06 7.84 -5.52
C VAL B 109 5.60 8.15 -5.72
N PRO B 110 4.72 7.15 -5.50
CA PRO B 110 3.27 7.35 -5.66
C PRO B 110 2.60 8.35 -4.74
N GLU B 111 3.17 8.54 -3.56
CA GLU B 111 2.52 9.44 -2.63
C GLU B 111 3.38 10.25 -1.66
N VAL B 112 3.39 11.59 -1.82
CA VAL B 112 4.09 12.49 -0.90
C VAL B 112 2.94 13.31 -0.37
N ALA B 113 2.57 13.12 0.88
CA ALA B 113 1.37 13.77 1.37
C ALA B 113 1.42 14.42 2.74
N PHE B 114 0.42 15.25 3.00
CA PHE B 114 0.31 15.99 4.27
C PHE B 114 0.46 15.10 5.47
N ASP B 115 0.00 13.85 5.39
CA ASP B 115 0.11 12.98 6.54
C ASP B 115 1.17 11.87 6.45
N SER B 116 2.10 11.96 5.51
CA SER B 116 3.16 10.96 5.40
C SER B 116 4.17 10.99 6.57
N GLU B 117 4.62 9.79 6.94
CA GLU B 117 5.66 9.60 7.95
C GLU B 117 6.88 9.37 7.07
N ALA B 118 8.04 9.24 7.70
CA ALA B 118 9.28 9.01 6.97
C ALA B 118 9.23 7.64 6.27
N SER B 119 8.67 6.65 6.97
CA SER B 119 8.59 5.31 6.41
C SER B 119 7.47 5.18 5.42
N SER B 120 6.64 6.20 5.27
CA SER B 120 5.52 6.12 4.34
C SER B 120 5.84 6.07 2.87
N TYR B 121 6.84 6.84 2.45
CA TYR B 121 7.17 6.95 1.06
C TYR B 121 7.56 5.63 0.39
N GLN B 122 7.03 5.43 -0.82
CA GLN B 122 7.33 4.22 -1.58
C GLN B 122 8.21 4.60 -2.76
N PHE B 123 9.21 3.78 -3.04
CA PHE B 123 10.07 4.10 -4.16
C PHE B 123 10.14 2.99 -5.19
N ASP B 124 9.63 3.26 -6.38
CA ASP B 124 9.69 2.26 -7.42
C ASP B 124 10.88 2.56 -8.33
N ILE B 125 11.98 1.86 -8.07
CA ILE B 125 13.22 2.01 -8.80
C ILE B 125 13.24 1.27 -10.12
N SER B 126 13.40 1.99 -11.20
CA SER B 126 13.51 1.40 -12.52
C SER B 126 14.92 1.68 -13.08
N ILE B 127 15.56 0.63 -13.58
CA ILE B 127 16.87 0.70 -14.19
C ILE B 127 16.52 0.29 -15.62
N PHE B 128 16.63 1.25 -16.53
CA PHE B 128 16.28 1.03 -17.94
C PHE B 128 17.09 -0.08 -18.63
N LYS B 129 16.41 -0.89 -19.43
CA LYS B 129 17.04 -2.00 -20.16
C LYS B 129 18.21 -2.55 -19.35
N GLU B 130 17.87 -3.16 -18.21
CA GLU B 130 18.82 -3.72 -17.24
C GLU B 130 19.43 -5.08 -17.61
N THR B 131 20.56 -5.42 -16.98
CA THR B 131 21.27 -6.67 -17.25
C THR B 131 21.92 -7.23 -15.98
N SER B 132 22.18 -8.53 -15.98
CA SER B 132 22.78 -9.18 -14.82
C SER B 132 23.99 -8.45 -14.25
N GLU B 133 24.62 -7.60 -15.04
CA GLU B 133 25.78 -6.87 -14.53
C GLU B 133 25.31 -5.65 -13.78
N LEU B 134 24.24 -5.03 -14.27
CA LEU B 134 23.66 -3.83 -13.63
C LEU B 134 22.94 -4.13 -12.31
N SER B 135 22.99 -5.38 -11.87
CA SER B 135 22.32 -5.80 -10.64
C SER B 135 22.85 -5.16 -9.35
N GLU B 136 23.64 -4.10 -9.49
CA GLU B 136 24.18 -3.44 -8.30
C GLU B 136 23.72 -2.00 -8.19
N ALA B 137 23.02 -1.52 -9.20
CA ALA B 137 22.51 -0.15 -9.21
C ALA B 137 21.46 0.05 -8.12
N LYS B 138 20.38 -0.72 -8.19
CA LYS B 138 19.31 -0.59 -7.22
C LYS B 138 19.79 -0.69 -5.78
N PRO B 139 20.59 -1.72 -5.44
CA PRO B 139 21.02 -1.75 -4.04
C PRO B 139 21.73 -0.43 -3.71
N LEU B 140 22.38 0.17 -4.70
CA LEU B 140 23.07 1.45 -4.48
C LEU B 140 22.06 2.52 -4.11
N ILE B 141 21.12 2.72 -5.03
CA ILE B 141 20.06 3.70 -4.85
C ILE B 141 19.29 3.51 -3.54
N ARG B 142 18.96 2.27 -3.18
CA ARG B 142 18.22 2.07 -1.94
C ARG B 142 19.01 2.51 -0.70
N SER B 143 20.30 2.18 -0.65
CA SER B 143 21.13 2.48 0.51
C SER B 143 21.50 3.91 0.79
N GLU B 144 21.80 4.66 -0.27
CA GLU B 144 22.23 6.03 -0.08
C GLU B 144 21.34 7.16 -0.63
N LEU B 145 20.64 6.92 -1.72
CA LEU B 145 19.79 7.97 -2.27
C LEU B 145 18.43 8.08 -1.57
N LEU B 146 17.70 6.97 -1.50
CA LEU B 146 16.38 6.98 -0.91
C LEU B 146 16.31 7.65 0.48
N PRO B 147 17.27 7.34 1.37
CA PRO B 147 17.16 8.01 2.67
C PRO B 147 17.26 9.54 2.62
N LYS B 148 17.87 10.07 1.57
CA LYS B 148 17.98 11.52 1.41
C LYS B 148 16.71 12.02 0.72
N LEU B 149 16.04 11.11 0.01
CA LEU B 149 14.81 11.49 -0.65
C LEU B 149 13.75 11.62 0.44
N ARG B 150 13.74 10.68 1.38
CA ARG B 150 12.79 10.70 2.47
C ARG B 150 12.88 11.98 3.29
N GLN B 151 14.09 12.40 3.66
CA GLN B 151 14.18 13.60 4.47
C GLN B 151 13.70 14.85 3.72
N ILE B 152 13.94 14.89 2.41
CA ILE B 152 13.49 16.01 1.59
C ILE B 152 11.96 16.11 1.56
N PHE B 153 11.30 15.00 1.28
CA PHE B 153 9.83 15.00 1.25
C PHE B 153 9.27 15.44 2.60
N GLN B 154 9.90 14.97 3.67
CA GLN B 154 9.46 15.33 5.00
C GLN B 154 9.60 16.81 5.33
N GLN B 155 10.53 17.49 4.67
CA GLN B 155 10.79 18.92 4.93
C GLN B 155 9.80 19.79 4.19
N PHE B 156 9.37 19.31 3.03
CA PHE B 156 8.45 20.04 2.20
C PHE B 156 7.18 20.57 2.89
N GLY B 157 6.56 19.74 3.72
CA GLY B 157 5.34 20.14 4.40
C GLY B 157 5.58 21.34 5.28
N LYS B 158 6.69 21.30 6.02
CA LYS B 158 7.07 22.38 6.91
C LYS B 158 7.26 23.62 6.07
N ASP B 159 8.15 23.52 5.09
CA ASP B 159 8.43 24.63 4.19
C ASP B 159 7.17 25.17 3.52
N LEU B 160 6.26 24.29 3.13
CA LEU B 160 5.03 24.71 2.47
C LEU B 160 4.16 25.66 3.28
N LEU B 161 3.97 25.33 4.55
CA LEU B 161 3.15 26.13 5.44
C LEU B 161 3.88 27.37 5.90
N ALA B 162 5.13 27.21 6.34
CA ALA B 162 5.94 28.35 6.77
C ALA B 162 6.29 29.19 5.53
N THR B 163 5.44 29.13 4.52
CA THR B 163 5.65 29.91 3.30
C THR B 163 4.34 30.41 2.75
N HIS B 164 3.23 29.76 3.10
CA HIS B 164 1.92 30.19 2.62
C HIS B 164 0.90 30.05 3.73
N GLY B 165 1.33 29.52 4.87
CA GLY B 165 0.44 29.32 5.99
C GLY B 165 0.59 30.34 7.11
N ASN B 166 1.83 30.59 7.53
CA ASN B 166 2.10 31.60 8.55
C ASN B 166 1.89 32.91 7.80
N ASP B 167 1.61 32.76 6.50
CA ASP B 167 1.36 33.88 5.59
C ASP B 167 0.03 34.55 5.95
C1 GOL C . 6.27 -13.17 9.78
O1 GOL C . 6.57 -14.51 10.25
C2 GOL C . 5.65 -13.18 8.35
O2 GOL C . 4.63 -14.17 8.14
C3 GOL C . 5.09 -11.77 8.05
O3 GOL C . 4.39 -11.61 6.81
#